data_4G17
#
_entry.id   4G17
#
_cell.length_a   57.469
_cell.length_b   57.469
_cell.length_c   224.275
_cell.angle_alpha   90.00
_cell.angle_beta   90.00
_cell.angle_gamma   120.00
#
_symmetry.space_group_name_H-M   'P 31 2 1'
#
loop_
_entity.id
_entity.type
_entity.pdbx_description
1 polymer 'Casein kinase I isoform gamma-3'
2 non-polymer 2-[(4-tert-butylphenyl)amino]-1H-benzimidazole-6-carbonitrile
3 water water
#
_entity_poly.entity_id   1
_entity_poly.type   'polypeptide(L)'
_entity_poly.pdbx_seq_one_letter_code
;GSGVLMVGPNFRVGKKIGCGNFGELRLGKNLYTNEYVAIKLEPMKSRAPQLHLEYRFYKQLGSGDGIPQVYYFGPCGKYN
AMVLELLGPSLEDLFDLCDRTFSLKTVLMIAIQLISRMEYVHSKNLIYRDVKPENFLIGRPGNKTQQVIHIIDFGLAKEY
IDPETKKHIPYREHKSLTGTARYMSINTHLGKEQSRRDDLEALGHMFMYFLRGSLPWQGLKADTLKERYQKIGDTKRATP
IEVLCENFPEMATYLRYVRRLDFFEKPDYDYLRKLFTDLFDRKGYMFDYEYDWIGKQLPTPVGAVQQDPALSSNREAHQH
RDKMQQSKNQ
;
_entity_poly.pdbx_strand_id   A
#
# COMPACT_ATOMS: atom_id res chain seq x y z
N GLY A 1 -28.87 16.31 22.20
CA GLY A 1 -27.83 17.36 22.03
C GLY A 1 -27.65 17.96 20.63
N SER A 2 -26.40 18.25 20.36
CA SER A 2 -25.89 18.81 19.16
C SER A 2 -26.29 18.28 17.80
N GLY A 3 -26.22 16.97 17.60
CA GLY A 3 -26.55 16.51 16.26
C GLY A 3 -25.25 16.32 15.48
N VAL A 4 -24.14 16.77 16.06
CA VAL A 4 -22.85 16.62 15.39
C VAL A 4 -21.89 15.66 16.09
N LEU A 5 -21.23 14.82 15.30
CA LEU A 5 -20.28 13.84 15.81
C LEU A 5 -18.88 14.44 16.00
N MET A 6 -18.38 14.37 17.23
CA MET A 6 -17.05 14.89 17.52
C MET A 6 -16.14 13.73 17.90
N VAL A 7 -14.84 13.88 17.61
CA VAL A 7 -13.83 12.90 17.94
C VAL A 7 -12.86 13.64 18.82
N GLY A 8 -12.67 13.16 20.05
CA GLY A 8 -11.78 13.83 20.97
C GLY A 8 -12.32 15.21 21.33
N PRO A 9 -11.44 16.16 21.66
CA PRO A 9 -11.89 17.50 22.03
C PRO A 9 -12.06 18.49 20.86
N ASN A 10 -11.47 18.19 19.72
CA ASN A 10 -11.47 19.14 18.62
C ASN A 10 -11.72 18.66 17.19
N PHE A 11 -11.99 17.38 17.00
CA PHE A 11 -12.20 16.87 15.65
C PHE A 11 -13.66 16.64 15.28
N ARG A 12 -14.14 17.46 14.35
CA ARG A 12 -15.51 17.38 13.86
C ARG A 12 -15.51 16.33 12.74
N VAL A 13 -16.38 15.34 12.85
CA VAL A 13 -16.51 14.28 11.85
C VAL A 13 -17.43 14.76 10.75
N GLY A 14 -17.03 14.55 9.50
CA GLY A 14 -17.84 15.00 8.39
C GLY A 14 -18.28 13.91 7.44
N LYS A 15 -18.61 14.29 6.21
CA LYS A 15 -19.09 13.37 5.17
C LYS A 15 -18.13 12.19 4.95
N LYS A 16 -18.64 11.07 4.45
CA LYS A 16 -17.75 9.95 4.20
C LYS A 16 -17.16 10.17 2.82
N ILE A 17 -15.88 9.90 2.69
CA ILE A 17 -15.19 10.11 1.44
C ILE A 17 -14.64 8.82 0.88
N GLY A 18 -14.27 8.89 -0.39
CA GLY A 18 -13.73 7.73 -1.04
C GLY A 18 -14.80 6.79 -1.54
N CYS A 19 -14.32 5.72 -2.16
CA CYS A 19 -15.22 4.69 -2.70
C CYS A 19 -15.14 3.40 -1.89
N GLY A 20 -16.25 2.64 -1.91
CA GLY A 20 -16.45 1.40 -1.19
C GLY A 20 -16.53 1.66 0.32
N ASN A 21 -15.66 1.19 1.25
CA ASN A 21 -15.74 1.39 2.78
C ASN A 21 -17.14 1.03 3.17
N PHE A 22 -17.89 2.12 3.35
CA PHE A 22 -19.29 2.09 3.66
C PHE A 22 -19.51 3.04 4.81
N GLY A 23 -18.79 4.15 4.85
CA GLY A 23 -18.91 5.08 5.96
C GLY A 23 -17.81 4.89 6.98
N GLU A 24 -16.76 4.16 6.57
CA GLU A 24 -15.64 3.90 7.46
C GLU A 24 -14.51 4.93 7.30
N LEU A 25 -14.53 5.71 6.23
CA LEU A 25 -13.52 6.75 6.00
C LEU A 25 -14.27 8.06 5.80
N ARG A 26 -14.02 9.01 6.70
CA ARG A 26 -14.70 10.29 6.63
C ARG A 26 -13.77 11.50 6.68
N LEU A 27 -14.20 12.58 6.03
CA LEU A 27 -13.46 13.81 6.03
C LEU A 27 -13.73 14.41 7.40
N GLY A 28 -12.74 15.09 7.93
CA GLY A 28 -12.90 15.71 9.23
C GLY A 28 -12.21 17.05 9.25
N LYS A 29 -12.40 17.78 10.35
CA LYS A 29 -11.77 19.07 10.49
C LYS A 29 -11.30 19.28 11.92
N ASN A 30 -10.08 19.79 12.05
CA ASN A 30 -9.53 20.09 13.36
C ASN A 30 -9.97 21.53 13.63
N LEU A 31 -11.00 21.68 14.45
CA LEU A 31 -11.55 22.99 14.79
C LEU A 31 -10.56 23.94 15.44
N TYR A 32 -9.60 23.40 16.17
CA TYR A 32 -8.61 24.21 16.87
C TYR A 32 -7.56 24.84 15.95
N THR A 33 -7.15 24.10 14.92
CA THR A 33 -6.13 24.60 13.97
C THR A 33 -6.72 25.02 12.64
N ASN A 34 -7.97 24.64 12.39
CA ASN A 34 -8.63 25.00 11.14
C ASN A 34 -8.04 24.21 9.97
N GLU A 35 -7.73 22.94 10.21
CA GLU A 35 -7.16 22.05 9.19
C GLU A 35 -8.06 20.85 8.94
N TYR A 36 -8.06 20.36 7.70
CA TYR A 36 -8.84 19.18 7.37
C TYR A 36 -8.01 17.95 7.68
N VAL A 37 -8.68 16.86 8.05
CA VAL A 37 -8.01 15.61 8.38
C VAL A 37 -8.85 14.47 7.83
N ALA A 38 -8.32 13.26 7.92
CA ALA A 38 -9.04 12.08 7.48
C ALA A 38 -9.41 11.32 8.76
N ILE A 39 -10.61 10.77 8.81
CA ILE A 39 -11.01 10.05 10.00
C ILE A 39 -11.47 8.64 9.68
N LYS A 40 -10.73 7.66 10.20
CA LYS A 40 -11.07 6.26 10.00
C LYS A 40 -11.96 5.80 11.15
N LEU A 41 -13.12 5.24 10.82
CA LEU A 41 -14.10 4.77 11.83
C LEU A 41 -14.36 3.26 11.78
N GLU A 42 -14.49 2.66 12.97
CA GLU A 42 -14.79 1.23 13.10
C GLU A 42 -15.85 1.04 14.16
N PRO A 43 -17.01 0.47 13.80
CA PRO A 43 -18.09 0.25 14.76
C PRO A 43 -17.61 -0.59 15.96
N MET A 44 -17.84 -0.07 17.17
CA MET A 44 -17.42 -0.77 18.40
C MET A 44 -17.96 -2.19 18.47
N LYS A 45 -18.94 -2.47 17.64
CA LYS A 45 -19.61 -3.76 17.57
C LYS A 45 -18.94 -4.69 16.53
N SER A 46 -17.85 -4.21 15.92
CA SER A 46 -17.11 -4.98 14.90
C SER A 46 -16.77 -6.42 15.32
N ARG A 47 -16.85 -7.34 14.36
CA ARG A 47 -16.53 -8.75 14.61
C ARG A 47 -15.03 -8.94 14.64
N ALA A 48 -14.36 -8.41 13.61
CA ALA A 48 -12.91 -8.50 13.48
C ALA A 48 -12.30 -7.11 13.62
N PRO A 49 -12.00 -6.69 14.86
CA PRO A 49 -11.42 -5.36 15.11
C PRO A 49 -10.03 -5.27 14.47
N GLN A 50 -9.67 -4.08 13.98
CA GLN A 50 -8.37 -3.88 13.38
C GLN A 50 -7.81 -2.50 13.74
N LEU A 51 -8.73 -1.54 13.98
CA LEU A 51 -8.38 -0.15 14.24
C LEU A 51 -7.37 0.16 15.33
N HIS A 52 -7.70 -0.17 16.56
CA HIS A 52 -6.78 0.09 17.67
C HIS A 52 -5.37 -0.48 17.48
N LEU A 53 -5.21 -1.62 16.82
CA LEU A 53 -3.85 -2.12 16.68
C LEU A 53 -3.18 -1.60 15.46
N GLU A 54 -3.96 -1.10 14.51
CA GLU A 54 -3.38 -0.48 13.33
C GLU A 54 -2.76 0.80 13.91
N TYR A 55 -3.47 1.39 14.87
CA TYR A 55 -3.01 2.60 15.55
C TYR A 55 -1.67 2.31 16.24
N ARG A 56 -1.60 1.16 16.89
CA ARG A 56 -0.39 0.73 17.57
C ARG A 56 0.73 0.53 16.54
N PHE A 57 0.40 0.03 15.35
CA PHE A 57 1.41 -0.14 14.33
C PHE A 57 1.95 1.23 13.93
N TYR A 58 1.07 2.22 13.85
CA TYR A 58 1.54 3.57 13.53
C TYR A 58 2.47 4.08 14.63
N LYS A 59 2.14 3.80 15.89
CA LYS A 59 3.01 4.25 16.98
C LYS A 59 4.41 3.64 16.80
N GLN A 60 4.45 2.37 16.41
CA GLN A 60 5.70 1.66 16.21
C GLN A 60 6.45 2.19 14.99
N LEU A 61 5.70 2.62 13.97
CA LEU A 61 6.33 3.14 12.76
C LEU A 61 6.97 4.49 13.07
N GLY A 62 6.35 5.23 14.00
CA GLY A 62 6.88 6.53 14.34
C GLY A 62 6.69 7.48 13.18
N SER A 63 7.30 8.66 13.29
CA SER A 63 7.20 9.68 12.25
C SER A 63 8.16 9.33 11.12
N GLY A 64 7.62 9.12 9.94
CA GLY A 64 8.48 8.79 8.81
C GLY A 64 8.07 9.43 7.50
N ASP A 65 9.01 9.40 6.56
CA ASP A 65 8.81 9.95 5.23
C ASP A 65 7.79 9.08 4.51
N GLY A 66 6.71 9.67 4.02
CA GLY A 66 5.71 8.88 3.33
C GLY A 66 4.75 8.14 4.26
N ILE A 67 4.85 8.36 5.56
CA ILE A 67 3.94 7.70 6.49
C ILE A 67 3.02 8.79 7.02
N PRO A 68 1.69 8.63 6.81
CA PRO A 68 0.75 9.65 7.28
C PRO A 68 0.83 9.89 8.78
N GLN A 69 0.74 11.15 9.16
CA GLN A 69 0.81 11.53 10.57
C GLN A 69 -0.51 11.15 11.26
N VAL A 70 -0.42 10.58 12.46
CA VAL A 70 -1.63 10.18 13.22
C VAL A 70 -1.83 11.12 14.41
N TYR A 71 -3.04 11.68 14.52
CA TYR A 71 -3.34 12.63 15.57
C TYR A 71 -4.13 12.14 16.79
N TYR A 72 -5.02 11.19 16.60
CA TYR A 72 -5.85 10.75 17.72
C TYR A 72 -6.51 9.40 17.49
N PHE A 73 -6.82 8.74 18.60
CA PHE A 73 -7.53 7.46 18.60
C PHE A 73 -8.47 7.55 19.78
N GLY A 74 -9.76 7.33 19.54
CA GLY A 74 -10.72 7.39 20.62
C GLY A 74 -12.15 7.08 20.21
N PRO A 75 -13.04 6.91 21.21
CA PRO A 75 -14.44 6.61 20.97
C PRO A 75 -15.16 7.76 20.30
N CYS A 76 -16.15 7.42 19.48
CA CYS A 76 -16.92 8.39 18.73
C CYS A 76 -18.32 7.84 18.47
N GLY A 77 -19.26 8.14 19.37
CA GLY A 77 -20.59 7.61 19.20
C GLY A 77 -20.44 6.11 19.41
N LYS A 78 -20.92 5.30 18.47
CA LYS A 78 -20.80 3.85 18.59
C LYS A 78 -19.62 3.37 17.78
N TYR A 79 -18.74 4.32 17.49
CA TYR A 79 -17.56 4.05 16.70
C TYR A 79 -16.30 4.24 17.53
N ASN A 80 -15.22 3.68 17.02
CA ASN A 80 -13.89 3.86 17.58
C ASN A 80 -13.26 4.61 16.40
N ALA A 81 -12.55 5.68 16.68
CA ALA A 81 -11.99 6.45 15.59
C ALA A 81 -10.53 6.74 15.68
N MET A 82 -9.91 6.85 14.51
CA MET A 82 -8.50 7.18 14.39
C MET A 82 -8.40 8.35 13.42
N VAL A 83 -7.77 9.43 13.87
CA VAL A 83 -7.63 10.64 13.08
C VAL A 83 -6.21 10.81 12.52
N LEU A 84 -6.13 11.01 11.21
CA LEU A 84 -4.84 11.20 10.55
C LEU A 84 -4.83 12.33 9.55
N GLU A 85 -3.62 12.65 9.10
CA GLU A 85 -3.36 13.69 8.12
C GLU A 85 -4.14 13.38 6.84
N LEU A 86 -4.78 14.38 6.26
CA LEU A 86 -5.52 14.17 5.01
C LEU A 86 -4.51 14.15 3.87
N LEU A 87 -4.68 13.22 2.95
CA LEU A 87 -3.77 13.10 1.80
C LEU A 87 -4.52 13.29 0.49
N GLY A 88 -3.79 13.11 -0.61
CA GLY A 88 -4.36 13.26 -1.95
C GLY A 88 -4.93 11.95 -2.47
N PRO A 89 -5.19 11.83 -3.78
CA PRO A 89 -5.74 10.59 -4.34
C PRO A 89 -4.75 9.43 -4.38
N SER A 90 -5.29 8.21 -4.46
CA SER A 90 -4.48 7.00 -4.51
C SER A 90 -3.92 6.77 -5.93
N LEU A 91 -2.94 5.87 -6.02
CA LEU A 91 -2.33 5.52 -7.31
C LEU A 91 -3.35 4.92 -8.27
N GLU A 92 -4.34 4.22 -7.74
CA GLU A 92 -5.36 3.62 -8.59
C GLU A 92 -6.21 4.74 -9.21
N ASP A 93 -6.53 5.77 -8.40
CA ASP A 93 -7.32 6.90 -8.88
C ASP A 93 -6.55 7.66 -9.96
N LEU A 94 -5.26 7.82 -9.76
CA LEU A 94 -4.43 8.51 -10.73
C LEU A 94 -4.28 7.66 -11.99
N PHE A 95 -4.13 6.35 -11.82
CA PHE A 95 -4.01 5.43 -12.95
C PHE A 95 -5.23 5.58 -13.87
N ASP A 96 -6.42 5.57 -13.27
CA ASP A 96 -7.67 5.74 -14.04
C ASP A 96 -7.64 7.08 -14.76
N LEU A 97 -7.19 8.10 -14.06
CA LEU A 97 -7.13 9.44 -14.60
C LEU A 97 -6.16 9.52 -15.78
N CYS A 98 -5.17 8.65 -15.80
CA CYS A 98 -4.18 8.62 -16.87
C CYS A 98 -4.49 7.50 -17.89
N ASP A 99 -5.75 7.14 -18.00
CA ASP A 99 -6.19 6.10 -18.93
C ASP A 99 -5.58 4.73 -18.75
N ARG A 100 -5.30 4.40 -17.50
CA ARG A 100 -4.76 3.10 -17.11
C ARG A 100 -3.48 2.60 -17.78
N THR A 101 -2.45 3.44 -17.68
CA THR A 101 -1.11 3.16 -18.15
C THR A 101 -0.19 4.31 -17.73
N PHE A 102 0.90 3.97 -17.06
CA PHE A 102 1.88 4.96 -16.63
C PHE A 102 3.13 4.77 -17.48
N SER A 103 3.81 5.88 -17.76
CA SER A 103 5.04 5.83 -18.55
C SER A 103 6.11 5.20 -17.66
N LEU A 104 7.18 4.71 -18.29
CA LEU A 104 8.26 4.10 -17.53
C LEU A 104 8.84 5.11 -16.52
N LYS A 105 9.01 6.36 -16.94
CA LYS A 105 9.54 7.36 -16.02
C LYS A 105 8.68 7.44 -14.76
N THR A 106 7.36 7.61 -14.93
CA THR A 106 6.48 7.68 -13.78
C THR A 106 6.59 6.43 -12.92
N VAL A 107 6.59 5.25 -13.54
CA VAL A 107 6.68 4.01 -12.78
C VAL A 107 7.98 3.90 -11.99
N LEU A 108 9.10 4.28 -12.60
CA LEU A 108 10.37 4.21 -11.91
C LEU A 108 10.43 5.20 -10.74
N MET A 109 9.85 6.38 -10.91
CA MET A 109 9.86 7.34 -9.81
C MET A 109 9.04 6.76 -8.66
N ILE A 110 7.96 6.05 -9.01
CA ILE A 110 7.13 5.42 -8.01
C ILE A 110 7.85 4.24 -7.35
N ALA A 111 8.49 3.39 -8.16
CA ALA A 111 9.18 2.21 -7.63
C ALA A 111 10.35 2.56 -6.71
N ILE A 112 11.13 3.56 -7.09
CA ILE A 112 12.27 3.97 -6.28
C ILE A 112 11.80 4.38 -4.89
N GLN A 113 10.72 5.16 -4.83
CA GLN A 113 10.17 5.60 -3.55
C GLN A 113 9.57 4.45 -2.75
N LEU A 114 8.81 3.59 -3.42
CA LEU A 114 8.16 2.49 -2.71
C LEU A 114 9.11 1.43 -2.17
N ILE A 115 10.27 1.24 -2.81
CA ILE A 115 11.23 0.28 -2.31
C ILE A 115 11.79 0.83 -1.00
N SER A 116 12.05 2.13 -0.98
CA SER A 116 12.56 2.81 0.22
C SER A 116 11.51 2.78 1.33
N ARG A 117 10.26 3.01 0.93
CA ARG A 117 9.14 3.02 1.85
C ARG A 117 9.02 1.66 2.54
N MET A 118 9.10 0.59 1.76
CA MET A 118 9.01 -0.77 2.27
C MET A 118 10.22 -1.07 3.18
N GLU A 119 11.39 -0.57 2.79
CA GLU A 119 12.60 -0.76 3.60
C GLU A 119 12.42 -0.06 4.96
N TYR A 120 11.77 1.10 4.95
CA TYR A 120 11.53 1.82 6.20
C TYR A 120 10.65 0.97 7.10
N VAL A 121 9.53 0.50 6.54
CA VAL A 121 8.58 -0.31 7.28
C VAL A 121 9.25 -1.57 7.84
N HIS A 122 10.04 -2.23 7.01
CA HIS A 122 10.74 -3.43 7.44
C HIS A 122 11.76 -3.13 8.54
N SER A 123 12.34 -1.93 8.49
CA SER A 123 13.33 -1.53 9.49
C SER A 123 12.66 -1.25 10.84
N LYS A 124 11.35 -1.34 10.87
CA LYS A 124 10.63 -1.13 12.12
C LYS A 124 10.05 -2.46 12.57
N ASN A 125 10.60 -3.54 12.02
CA ASN A 125 10.18 -4.92 12.35
C ASN A 125 8.75 -5.28 11.98
N LEU A 126 8.23 -4.63 10.94
CA LEU A 126 6.89 -4.90 10.48
C LEU A 126 6.87 -5.27 9.00
N ILE A 127 5.95 -6.15 8.62
CA ILE A 127 5.77 -6.51 7.22
C ILE A 127 4.38 -5.96 6.89
N TYR A 128 4.25 -5.36 5.71
CA TYR A 128 3.00 -4.73 5.28
C TYR A 128 1.86 -5.70 5.01
N ARG A 129 2.06 -6.55 4.00
CA ARG A 129 1.09 -7.58 3.61
C ARG A 129 -0.19 -7.13 2.91
N ASP A 130 -0.29 -5.86 2.51
CA ASP A 130 -1.51 -5.39 1.82
C ASP A 130 -1.24 -4.48 0.60
N VAL A 131 -0.25 -4.84 -0.20
CA VAL A 131 0.12 -4.08 -1.39
C VAL A 131 -0.96 -4.02 -2.49
N LYS A 132 -1.31 -2.81 -2.88
CA LYS A 132 -2.28 -2.54 -3.94
C LYS A 132 -2.27 -1.03 -4.19
N PRO A 133 -2.54 -0.60 -5.43
CA PRO A 133 -2.56 0.82 -5.81
C PRO A 133 -3.44 1.70 -4.93
N GLU A 134 -4.53 1.13 -4.41
CA GLU A 134 -5.44 1.86 -3.55
C GLU A 134 -4.83 2.28 -2.23
N ASN A 135 -3.76 1.63 -1.81
CA ASN A 135 -3.12 1.96 -0.54
C ASN A 135 -1.90 2.90 -0.62
N PHE A 136 -1.68 3.51 -1.77
CA PHE A 136 -0.56 4.44 -1.94
C PHE A 136 -1.15 5.75 -2.45
N LEU A 137 -1.00 6.81 -1.65
CA LEU A 137 -1.56 8.11 -1.99
C LEU A 137 -0.52 9.23 -2.04
N ILE A 138 -0.67 10.12 -3.03
CA ILE A 138 0.22 11.26 -3.15
C ILE A 138 -0.21 12.27 -2.09
N GLY A 139 0.59 13.31 -1.89
CA GLY A 139 0.24 14.29 -0.88
C GLY A 139 -0.88 15.21 -1.36
N ARG A 140 -1.13 16.27 -0.60
CA ARG A 140 -2.18 17.22 -0.98
C ARG A 140 -1.59 18.43 -1.68
N PRO A 141 -2.27 18.92 -2.74
CA PRO A 141 -1.76 20.09 -3.45
C PRO A 141 -1.47 21.20 -2.44
N GLY A 142 -0.21 21.60 -2.34
CA GLY A 142 0.12 22.66 -1.42
C GLY A 142 0.83 22.24 -0.15
N ASN A 143 0.26 21.27 0.58
CA ASN A 143 0.85 20.80 1.84
C ASN A 143 2.23 20.19 1.64
N LYS A 144 2.97 20.77 0.69
CA LYS A 144 4.33 20.39 0.30
C LYS A 144 4.78 18.94 0.23
N THR A 145 3.88 17.99 0.38
CA THR A 145 4.27 16.59 0.27
C THR A 145 3.38 15.96 -0.79
N GLN A 146 2.87 16.82 -1.68
CA GLN A 146 1.98 16.36 -2.73
C GLN A 146 2.63 15.44 -3.74
N GLN A 147 3.93 15.58 -3.91
CA GLN A 147 4.63 14.73 -4.85
C GLN A 147 5.10 13.44 -4.18
N VAL A 148 5.07 13.42 -2.84
CA VAL A 148 5.50 12.24 -2.08
C VAL A 148 4.44 11.13 -2.07
N ILE A 149 4.87 9.90 -2.37
CA ILE A 149 3.96 8.76 -2.39
C ILE A 149 3.87 8.21 -0.96
N HIS A 150 2.67 8.25 -0.37
CA HIS A 150 2.48 7.75 1.00
C HIS A 150 1.86 6.36 1.02
N ILE A 151 2.05 5.65 2.14
CA ILE A 151 1.49 4.31 2.32
C ILE A 151 0.45 4.35 3.46
N ILE A 152 -0.74 3.77 3.24
CA ILE A 152 -1.80 3.76 4.25
C ILE A 152 -2.35 2.36 4.52
N ASP A 153 -3.22 2.24 5.51
CA ASP A 153 -3.86 0.99 5.89
C ASP A 153 -2.89 -0.09 6.35
N PHE A 154 -2.55 -0.06 7.63
CA PHE A 154 -1.65 -1.07 8.18
C PHE A 154 -2.48 -2.08 8.96
N GLY A 155 -3.75 -2.17 8.59
CA GLY A 155 -4.69 -3.09 9.23
C GLY A 155 -4.31 -4.58 9.12
N LEU A 156 -3.54 -4.94 8.09
CA LEU A 156 -3.11 -6.31 7.89
C LEU A 156 -1.63 -6.55 8.23
N ALA A 157 -0.99 -5.54 8.82
CA ALA A 157 0.43 -5.65 9.15
C ALA A 157 0.70 -6.70 10.23
N LYS A 158 1.98 -7.02 10.42
CA LYS A 158 2.40 -8.01 11.40
C LYS A 158 3.87 -7.79 11.79
N GLU A 159 4.20 -8.04 13.05
CA GLU A 159 5.57 -7.89 13.52
C GLU A 159 6.28 -9.18 13.10
N TYR A 160 7.25 -9.07 12.19
CA TYR A 160 7.94 -10.27 11.71
C TYR A 160 9.15 -10.63 12.56
N ILE A 161 9.44 -9.78 13.54
CA ILE A 161 10.51 -10.02 14.47
C ILE A 161 9.84 -10.05 15.83
N ASP A 162 9.92 -11.19 16.53
CA ASP A 162 9.30 -11.32 17.84
C ASP A 162 10.01 -10.36 18.80
N PRO A 163 9.26 -9.39 19.33
CA PRO A 163 9.73 -8.36 20.25
C PRO A 163 10.55 -8.82 21.46
N GLU A 164 10.27 -10.03 21.93
CA GLU A 164 10.98 -10.58 23.08
C GLU A 164 12.19 -11.43 22.66
N THR A 165 11.94 -12.46 21.85
CA THR A 165 13.02 -13.34 21.41
C THR A 165 13.99 -12.59 20.51
N LYS A 166 13.46 -11.66 19.72
CA LYS A 166 14.29 -10.90 18.79
C LYS A 166 14.63 -11.82 17.62
N LYS A 167 13.84 -12.89 17.49
CA LYS A 167 14.02 -13.84 16.41
C LYS A 167 12.95 -13.61 15.34
N HIS A 168 13.30 -13.94 14.10
CA HIS A 168 12.38 -13.80 12.97
C HIS A 168 11.24 -14.76 13.27
N ILE A 169 10.03 -14.45 12.80
CA ILE A 169 8.91 -15.35 13.05
C ILE A 169 9.23 -16.65 12.32
N PRO A 170 8.80 -17.79 12.87
CA PRO A 170 9.05 -19.11 12.28
C PRO A 170 8.30 -19.34 10.97
N TYR A 171 8.86 -20.19 10.12
CA TYR A 171 8.22 -20.52 8.86
C TYR A 171 7.05 -21.45 9.16
N ARG A 172 6.02 -21.37 8.34
CA ARG A 172 4.85 -22.24 8.47
C ARG A 172 3.96 -22.07 7.26
N GLU A 173 3.03 -23.02 7.10
CA GLU A 173 2.11 -23.01 5.99
C GLU A 173 0.66 -23.02 6.46
N HIS A 174 -0.25 -23.28 5.53
CA HIS A 174 -1.67 -23.34 5.83
C HIS A 174 -2.28 -22.04 6.30
N LYS A 175 -1.72 -20.91 5.85
CA LYS A 175 -2.27 -19.61 6.20
C LYS A 175 -3.47 -19.38 5.28
N SER A 176 -4.56 -18.88 5.82
CA SER A 176 -5.76 -18.62 5.02
C SER A 176 -5.50 -17.41 4.13
N LEU A 177 -6.08 -17.43 2.94
CA LEU A 177 -5.93 -16.33 2.00
C LEU A 177 -7.01 -15.30 2.21
N THR A 178 -6.61 -14.04 2.33
CA THR A 178 -7.53 -12.94 2.53
C THR A 178 -7.16 -11.71 1.68
N GLY A 179 -5.86 -11.48 1.53
CA GLY A 179 -5.38 -10.34 0.75
C GLY A 179 -5.96 -10.22 -0.65
N THR A 180 -5.50 -9.21 -1.39
CA THR A 180 -5.96 -8.99 -2.76
C THR A 180 -5.19 -9.93 -3.67
N ALA A 181 -5.91 -10.81 -4.36
CA ALA A 181 -5.31 -11.81 -5.24
C ALA A 181 -4.49 -11.31 -6.43
N ARG A 182 -4.89 -10.20 -7.03
CA ARG A 182 -4.18 -9.70 -8.21
C ARG A 182 -2.70 -9.41 -8.04
N TYR A 183 -2.30 -8.93 -6.86
CA TYR A 183 -0.90 -8.57 -6.63
C TYR A 183 -0.08 -9.50 -5.74
N MET A 184 -0.74 -10.35 -4.95
CA MET A 184 0.00 -11.22 -4.05
C MET A 184 1.05 -12.14 -4.68
N SER A 185 2.09 -12.43 -3.90
CA SER A 185 3.19 -13.27 -4.34
C SER A 185 2.73 -14.71 -4.55
N ILE A 186 3.51 -15.46 -5.31
CA ILE A 186 3.17 -16.85 -5.56
C ILE A 186 3.18 -17.65 -4.27
N ASN A 187 4.19 -17.42 -3.42
CA ASN A 187 4.26 -18.14 -2.17
C ASN A 187 3.06 -17.87 -1.27
N THR A 188 2.49 -16.67 -1.38
CA THR A 188 1.32 -16.35 -0.59
C THR A 188 0.16 -17.23 -1.07
N HIS A 189 0.08 -17.41 -2.38
CA HIS A 189 -0.96 -18.24 -2.98
C HIS A 189 -0.87 -19.66 -2.42
N LEU A 190 0.35 -20.10 -2.14
CA LEU A 190 0.60 -21.43 -1.61
C LEU A 190 0.31 -21.57 -0.12
N GLY A 191 -0.27 -20.54 0.49
CA GLY A 191 -0.59 -20.60 1.92
C GLY A 191 0.61 -20.51 2.86
N LYS A 192 1.73 -20.03 2.36
CA LYS A 192 2.93 -19.89 3.19
C LYS A 192 2.91 -18.61 4.00
N GLU A 193 3.55 -18.64 5.16
CA GLU A 193 3.64 -17.46 6.03
C GLU A 193 4.38 -16.39 5.22
N GLN A 194 3.87 -15.17 5.24
CA GLN A 194 4.48 -14.07 4.49
C GLN A 194 5.62 -13.43 5.26
N SER A 195 6.63 -12.96 4.53
CA SER A 195 7.76 -12.28 5.14
C SER A 195 8.17 -11.09 4.26
N ARG A 196 9.34 -10.52 4.52
CA ARG A 196 9.79 -9.36 3.76
C ARG A 196 9.76 -9.53 2.24
N ARG A 197 10.21 -10.69 1.75
CA ARG A 197 10.24 -10.95 0.31
C ARG A 197 8.88 -10.77 -0.36
N ASP A 198 7.82 -11.19 0.31
CA ASP A 198 6.49 -11.09 -0.26
C ASP A 198 6.00 -9.67 -0.50
N ASP A 199 6.30 -8.74 0.41
CA ASP A 199 5.89 -7.36 0.20
C ASP A 199 6.54 -6.86 -1.09
N LEU A 200 7.81 -7.19 -1.27
CA LEU A 200 8.56 -6.79 -2.47
C LEU A 200 8.03 -7.41 -3.76
N GLU A 201 7.71 -8.71 -3.72
CA GLU A 201 7.20 -9.36 -4.92
C GLU A 201 5.89 -8.70 -5.31
N ALA A 202 5.03 -8.44 -4.34
CA ALA A 202 3.75 -7.80 -4.61
C ALA A 202 3.96 -6.43 -5.29
N LEU A 203 4.97 -5.67 -4.83
CA LEU A 203 5.26 -4.38 -5.46
C LEU A 203 5.61 -4.59 -6.96
N GLY A 204 6.38 -5.64 -7.23
CA GLY A 204 6.76 -5.95 -8.60
C GLY A 204 5.54 -6.18 -9.47
N HIS A 205 4.61 -7.01 -8.99
CA HIS A 205 3.39 -7.29 -9.73
C HIS A 205 2.64 -5.99 -10.02
N MET A 206 2.64 -5.09 -9.06
CA MET A 206 1.97 -3.81 -9.22
C MET A 206 2.68 -2.95 -10.25
N PHE A 207 4.02 -3.01 -10.27
CA PHE A 207 4.79 -2.19 -11.22
C PHE A 207 4.48 -2.59 -12.67
N MET A 208 4.37 -3.90 -12.90
CA MET A 208 4.08 -4.45 -14.23
C MET A 208 2.64 -4.13 -14.60
N TYR A 209 1.78 -4.11 -13.59
CA TYR A 209 0.38 -3.80 -13.75
C TYR A 209 0.28 -2.39 -14.33
N PHE A 210 1.00 -1.44 -13.73
CA PHE A 210 0.98 -0.05 -14.20
C PHE A 210 1.57 0.06 -15.61
N LEU A 211 2.66 -0.67 -15.87
CA LEU A 211 3.36 -0.62 -17.16
C LEU A 211 2.64 -1.26 -18.35
N ARG A 212 1.92 -2.35 -18.11
CA ARG A 212 1.20 -3.04 -19.19
C ARG A 212 -0.25 -2.58 -19.28
N GLY A 213 -0.78 -2.06 -18.18
CA GLY A 213 -2.16 -1.63 -18.15
C GLY A 213 -3.05 -2.69 -17.52
N SER A 214 -2.50 -3.90 -17.33
CA SER A 214 -3.24 -5.00 -16.73
C SER A 214 -2.31 -6.20 -16.55
N LEU A 215 -2.78 -7.20 -15.82
CA LEU A 215 -2.00 -8.41 -15.59
C LEU A 215 -2.73 -9.59 -16.26
N PRO A 216 -1.99 -10.58 -16.78
CA PRO A 216 -2.59 -11.73 -17.46
C PRO A 216 -3.48 -12.70 -16.64
N TRP A 217 -3.64 -12.45 -15.34
CA TRP A 217 -4.45 -13.33 -14.48
C TRP A 217 -5.61 -12.53 -13.88
N GLN A 218 -5.69 -11.28 -14.31
CA GLN A 218 -6.67 -10.31 -13.82
C GLN A 218 -8.16 -10.64 -13.99
N GLY A 219 -8.51 -11.36 -15.05
CA GLY A 219 -9.93 -11.64 -15.25
C GLY A 219 -10.44 -12.98 -14.73
N LEU A 220 -9.64 -13.69 -13.93
CA LEU A 220 -10.07 -14.99 -13.43
C LEU A 220 -11.16 -14.94 -12.37
N LYS A 221 -12.20 -15.75 -12.62
CA LYS A 221 -13.34 -15.87 -11.74
C LYS A 221 -13.54 -17.35 -11.42
N ALA A 222 -14.20 -17.65 -10.31
CA ALA A 222 -14.46 -19.03 -9.91
C ALA A 222 -15.70 -19.08 -9.02
N ASP A 223 -16.09 -20.29 -8.60
CA ASP A 223 -17.27 -20.45 -7.75
C ASP A 223 -17.01 -20.24 -6.25
N THR A 224 -15.75 -20.33 -5.83
CA THR A 224 -15.39 -20.10 -4.44
C THR A 224 -14.13 -19.25 -4.45
N LEU A 225 -13.94 -18.43 -3.42
CA LEU A 225 -12.77 -17.57 -3.34
C LEU A 225 -11.51 -18.42 -3.45
N LYS A 226 -11.51 -19.53 -2.72
CA LYS A 226 -10.40 -20.46 -2.71
C LYS A 226 -10.10 -20.94 -4.13
N GLU A 227 -11.16 -21.13 -4.92
CA GLU A 227 -10.98 -21.60 -6.31
C GLU A 227 -10.43 -20.48 -7.18
N ARG A 228 -10.90 -19.26 -6.96
CA ARG A 228 -10.44 -18.13 -7.73
C ARG A 228 -8.95 -17.94 -7.41
N TYR A 229 -8.63 -18.00 -6.12
CA TYR A 229 -7.26 -17.84 -5.64
C TYR A 229 -6.33 -18.86 -6.30
N GLN A 230 -6.76 -20.12 -6.33
CA GLN A 230 -5.96 -21.19 -6.92
C GLN A 230 -5.71 -20.94 -8.42
N LYS A 231 -6.75 -20.53 -9.14
CA LYS A 231 -6.62 -20.26 -10.57
C LYS A 231 -5.60 -19.16 -10.85
N ILE A 232 -5.74 -18.05 -10.13
CA ILE A 232 -4.84 -16.93 -10.29
C ILE A 232 -3.42 -17.42 -9.97
N GLY A 233 -3.29 -18.16 -8.88
CA GLY A 233 -1.98 -18.70 -8.54
C GLY A 233 -1.40 -19.55 -9.65
N ASP A 234 -2.21 -20.45 -10.20
CA ASP A 234 -1.74 -21.32 -11.29
C ASP A 234 -1.26 -20.50 -12.50
N THR A 235 -2.01 -19.46 -12.86
CA THR A 235 -1.62 -18.63 -14.00
C THR A 235 -0.32 -17.85 -13.75
N LYS A 236 -0.14 -17.39 -12.52
CA LYS A 236 1.07 -16.65 -12.15
C LYS A 236 2.27 -17.59 -12.34
N ARG A 237 2.12 -18.83 -11.86
CA ARG A 237 3.21 -19.80 -11.99
C ARG A 237 3.40 -20.19 -13.44
N ALA A 238 2.31 -20.24 -14.20
CA ALA A 238 2.36 -20.63 -15.61
C ALA A 238 2.80 -19.52 -16.57
N THR A 239 3.02 -18.32 -16.04
CA THR A 239 3.44 -17.20 -16.88
C THR A 239 4.92 -16.89 -16.60
N PRO A 240 5.79 -17.11 -17.60
CA PRO A 240 7.22 -16.85 -17.45
C PRO A 240 7.50 -15.37 -17.21
N ILE A 241 8.42 -15.07 -16.30
CA ILE A 241 8.77 -13.69 -16.02
C ILE A 241 9.19 -12.95 -17.29
N GLU A 242 9.94 -13.65 -18.14
CA GLU A 242 10.40 -13.04 -19.40
C GLU A 242 9.26 -12.72 -20.35
N VAL A 243 8.07 -13.21 -20.06
CA VAL A 243 6.92 -12.93 -20.91
C VAL A 243 6.13 -11.82 -20.23
N LEU A 244 5.93 -11.96 -18.92
CA LEU A 244 5.21 -10.96 -18.15
C LEU A 244 5.92 -9.60 -18.26
N CYS A 245 7.26 -9.62 -18.22
CA CYS A 245 8.05 -8.40 -18.28
C CYS A 245 8.69 -8.12 -19.65
N GLU A 246 8.04 -8.62 -20.70
CA GLU A 246 8.55 -8.39 -22.05
C GLU A 246 8.77 -6.88 -22.26
N ASN A 247 9.95 -6.51 -22.73
CA ASN A 247 10.28 -5.12 -22.98
C ASN A 247 10.71 -4.31 -21.76
N PHE A 248 10.89 -4.98 -20.62
CA PHE A 248 11.31 -4.29 -19.40
C PHE A 248 12.27 -5.20 -18.62
N PRO A 249 13.48 -5.41 -19.17
CA PRO A 249 14.56 -6.23 -18.63
C PRO A 249 14.80 -6.05 -17.13
N GLU A 250 14.84 -4.79 -16.68
CA GLU A 250 15.07 -4.50 -15.27
C GLU A 250 13.92 -5.03 -14.40
N MET A 251 12.69 -4.95 -14.89
CA MET A 251 11.56 -5.45 -14.12
C MET A 251 11.70 -6.97 -13.96
N ALA A 252 12.21 -7.62 -14.99
CA ALA A 252 12.38 -9.08 -14.94
C ALA A 252 13.45 -9.44 -13.92
N THR A 253 14.53 -8.67 -13.90
CA THR A 253 15.63 -8.94 -12.98
C THR A 253 15.16 -8.72 -11.54
N TYR A 254 14.36 -7.68 -11.32
CA TYR A 254 13.83 -7.39 -9.99
C TYR A 254 12.95 -8.54 -9.50
N LEU A 255 11.95 -8.89 -10.31
CA LEU A 255 11.00 -9.95 -9.97
C LEU A 255 11.67 -11.30 -9.73
N ARG A 256 12.67 -11.63 -10.55
CA ARG A 256 13.38 -12.90 -10.41
C ARG A 256 14.13 -12.96 -9.09
N TYR A 257 14.72 -11.84 -8.72
CA TYR A 257 15.48 -11.72 -7.48
C TYR A 257 14.57 -11.90 -6.25
N VAL A 258 13.49 -11.12 -6.17
CA VAL A 258 12.56 -11.20 -5.03
C VAL A 258 11.87 -12.56 -4.93
N ARG A 259 11.44 -13.12 -6.07
CA ARG A 259 10.79 -14.44 -6.08
C ARG A 259 11.72 -15.53 -5.55
N ARG A 260 13.02 -15.31 -5.65
CA ARG A 260 13.99 -16.31 -5.18
C ARG A 260 14.55 -16.06 -3.79
N LEU A 261 14.13 -14.98 -3.14
CA LEU A 261 14.62 -14.71 -1.80
C LEU A 261 14.17 -15.82 -0.86
N ASP A 262 14.96 -16.09 0.16
CA ASP A 262 14.62 -17.09 1.16
C ASP A 262 13.64 -16.44 2.14
N PHE A 263 12.87 -17.26 2.83
CA PHE A 263 11.89 -16.80 3.81
C PHE A 263 12.43 -15.86 4.89
N PHE A 264 13.58 -16.22 5.48
CA PHE A 264 14.20 -15.44 6.55
C PHE A 264 15.10 -14.28 6.05
N GLU A 265 15.52 -14.38 4.79
CA GLU A 265 16.43 -13.43 4.16
C GLU A 265 16.06 -11.94 4.10
N LYS A 266 17.05 -11.09 4.35
CA LYS A 266 16.85 -9.66 4.29
C LYS A 266 17.14 -9.23 2.87
N PRO A 267 16.16 -8.62 2.19
CA PRO A 267 16.37 -8.17 0.81
C PRO A 267 17.51 -7.15 0.71
N ASP A 268 18.12 -7.05 -0.46
CA ASP A 268 19.18 -6.08 -0.69
C ASP A 268 18.52 -4.85 -1.31
N TYR A 269 17.92 -4.01 -0.47
CA TYR A 269 17.23 -2.80 -0.93
C TYR A 269 18.07 -1.90 -1.84
N ASP A 270 19.34 -1.69 -1.52
CA ASP A 270 20.22 -0.84 -2.35
C ASP A 270 20.34 -1.45 -3.76
N TYR A 271 20.53 -2.77 -3.83
CA TYR A 271 20.64 -3.47 -5.11
C TYR A 271 19.40 -3.22 -5.96
N LEU A 272 18.22 -3.46 -5.38
CA LEU A 272 16.99 -3.28 -6.09
C LEU A 272 16.77 -1.84 -6.56
N ARG A 273 17.10 -0.87 -5.71
CA ARG A 273 16.95 0.53 -6.08
C ARG A 273 17.89 0.89 -7.23
N LYS A 274 19.11 0.38 -7.18
CA LYS A 274 20.08 0.70 -8.21
C LYS A 274 19.70 0.15 -9.57
N LEU A 275 19.01 -0.99 -9.58
CA LEU A 275 18.56 -1.55 -10.85
C LEU A 275 17.70 -0.49 -11.52
N PHE A 276 16.91 0.21 -10.70
CA PHE A 276 16.03 1.23 -11.24
C PHE A 276 16.63 2.61 -11.43
N THR A 277 17.57 3.03 -10.58
CA THR A 277 18.17 4.33 -10.77
C THR A 277 19.15 4.28 -11.95
N ASP A 278 19.80 3.14 -12.16
CA ASP A 278 20.71 2.99 -13.30
C ASP A 278 19.92 3.12 -14.60
N LEU A 279 18.79 2.41 -14.68
CA LEU A 279 17.94 2.45 -15.86
C LEU A 279 17.44 3.87 -16.08
N PHE A 280 16.94 4.47 -15.01
CA PHE A 280 16.42 5.83 -15.04
C PHE A 280 17.45 6.75 -15.68
N ASP A 281 18.68 6.72 -15.15
CA ASP A 281 19.75 7.56 -15.69
C ASP A 281 20.06 7.19 -17.14
N ARG A 282 20.07 5.90 -17.44
CA ARG A 282 20.37 5.45 -18.80
C ARG A 282 19.36 5.96 -19.81
N LYS A 283 18.09 6.05 -19.42
CA LYS A 283 17.03 6.54 -20.31
C LYS A 283 17.13 8.04 -20.48
N GLY A 284 17.89 8.67 -19.60
CA GLY A 284 18.04 10.10 -19.67
C GLY A 284 16.96 10.85 -18.93
N TYR A 285 16.18 10.15 -18.12
CA TYR A 285 15.10 10.78 -17.35
C TYR A 285 15.66 11.66 -16.24
N MET A 286 14.89 12.65 -15.82
CA MET A 286 15.29 13.53 -14.72
C MET A 286 14.30 13.28 -13.56
N PHE A 287 14.79 12.99 -12.36
CA PHE A 287 13.89 12.76 -11.24
C PHE A 287 13.39 14.11 -10.73
N ASP A 288 12.38 14.65 -11.42
CA ASP A 288 11.80 15.95 -11.10
C ASP A 288 10.37 15.90 -10.55
N TYR A 289 9.90 14.71 -10.20
CA TYR A 289 8.55 14.51 -9.67
C TYR A 289 7.42 14.97 -10.61
N GLU A 290 7.69 14.97 -11.92
CA GLU A 290 6.66 15.34 -12.90
C GLU A 290 6.06 14.05 -13.45
N TYR A 291 5.14 13.49 -12.68
CA TYR A 291 4.47 12.25 -13.03
C TYR A 291 3.54 12.50 -14.23
N ASP A 292 2.88 11.43 -14.68
CA ASP A 292 1.95 11.51 -15.80
C ASP A 292 0.71 12.32 -15.46
N TRP A 293 0.32 12.34 -14.18
CA TRP A 293 -0.89 13.05 -13.77
C TRP A 293 -0.70 14.54 -13.55
N ILE A 294 0.54 15.00 -13.69
CA ILE A 294 0.84 16.42 -13.49
C ILE A 294 0.02 17.25 -14.47
N GLY A 295 -0.56 18.33 -13.97
CA GLY A 295 -1.34 19.18 -14.82
C GLY A 295 -2.84 18.87 -14.91
N LYS A 296 -3.27 17.67 -14.53
CA LYS A 296 -4.68 17.32 -14.59
C LYS A 296 -5.51 17.80 -13.41
N GLN A 297 -6.81 17.52 -13.48
CA GLN A 297 -7.77 17.92 -12.46
C GLN A 297 -7.93 16.76 -11.51
N LEU A 298 -7.42 16.92 -10.30
CA LEU A 298 -7.45 15.86 -9.29
C LEU A 298 -8.66 15.77 -8.35
N PRO A 299 -9.22 14.58 -8.19
CA PRO A 299 -10.39 14.37 -7.30
C PRO A 299 -10.04 14.79 -5.85
N THR A 300 -10.95 15.47 -5.18
CA THR A 300 -10.68 15.94 -3.83
C THR A 300 -11.94 15.97 -2.99
N PRO A 301 -11.84 15.52 -1.75
CA PRO A 301 -12.97 15.48 -0.83
C PRO A 301 -13.39 16.85 -0.34
N VAL A 302 -12.40 17.70 -0.07
CA VAL A 302 -12.69 19.04 0.44
C VAL A 302 -13.53 19.86 -0.55
#